data_5X79
#
_entry.id   5X79
#
_cell.length_a   78.041
_cell.length_b   89.430
_cell.length_c   68.967
_cell.angle_alpha   90.00
_cell.angle_beta   98.43
_cell.angle_gamma   90.00
#
_symmetry.space_group_name_H-M   'C 1 2 1'
#
loop_
_entity.id
_entity.type
_entity.pdbx_description
1 polymer 'Glutathione S-transferase P'
2 non-polymer '(2S)-2-azanyl-5-[[(2R)-3-(2-fluorosulfonylethylsulfanyl)-1-(2-hydroxy-2-oxoethylamino)-1-oxidanylidene-propan-2-yl]amino]-5-oxidanylidene-pentanoic acid'
3 non-polymer '2-(N-MORPHOLINO)-ETHANESULFONIC ACID'
4 water water
#
_entity_poly.entity_id   1
_entity_poly.type   'polypeptide(L)'
_entity_poly.pdbx_seq_one_letter_code
;MPPYTVVYFPVRGRCAALRMLLADQGQSWKEEVVTVETWQEGSLKASCLYGQLPKFQDGDLTLYQSNTILRHLGRTLGLY
GKDQQEAALVDMVNDGVEDLRCKYISLIYTNYEAGKDDYVKALPGQLKPFETLLSQNQGGKTFIVGDQISFADYNLLDLL
LIHEVLAPGCLDAFPLLSAYVGRLSARPKLKAFLASPEYVNLPINGNGKQ
;
_entity_poly.pdbx_strand_id   A,B
#
loop_
_chem_comp.id
_chem_comp.type
_chem_comp.name
_chem_comp.formula
GF5 non-polymer '(2S)-2-azanyl-5-[[(2R)-3-(2-fluorosulfonylethylsulfanyl)-1-(2-hydroxy-2-oxoethylamino)-1-oxidanylidene-propan-2-yl]amino]-5-oxidanylidene-pentanoic acid' 'C12 H20 F N3 O8 S2'
MES non-polymer '2-(N-MORPHOLINO)-ETHANESULFONIC ACID' 'C6 H13 N O4 S'
#
# COMPACT_ATOMS: atom_id res chain seq x y z
N MET A 1 -12.15 -26.83 -12.57
CA MET A 1 -11.73 -26.16 -11.34
C MET A 1 -11.37 -24.70 -11.63
N PRO A 2 -11.63 -23.82 -10.67
CA PRO A 2 -11.45 -22.38 -10.93
C PRO A 2 -9.99 -22.04 -11.09
N PRO A 3 -9.67 -21.00 -11.87
CA PRO A 3 -8.26 -20.56 -11.97
C PRO A 3 -7.73 -19.92 -10.70
N TYR A 4 -8.59 -19.47 -9.81
CA TYR A 4 -8.20 -18.69 -8.63
C TYR A 4 -8.37 -19.52 -7.36
N THR A 5 -7.47 -19.33 -6.41
CA THR A 5 -7.64 -19.88 -5.07
C THR A 5 -7.28 -18.82 -4.04
N VAL A 6 -8.16 -18.65 -3.05
CA VAL A 6 -7.93 -17.80 -1.88
C VAL A 6 -7.59 -18.70 -0.70
N VAL A 7 -6.42 -18.49 -0.11
CA VAL A 7 -5.95 -19.26 1.05
C VAL A 7 -5.95 -18.31 2.24
N TYR A 8 -6.83 -18.55 3.23
CA TYR A 8 -7.03 -17.57 4.30
C TYR A 8 -7.65 -18.23 5.51
N PHE A 9 -7.46 -17.56 6.65
CA PHE A 9 -8.16 -17.87 7.88
C PHE A 9 -9.68 -17.73 7.66
N PRO A 10 -10.50 -18.40 8.49
CA PRO A 10 -11.94 -18.29 8.33
C PRO A 10 -12.44 -16.92 8.80
N VAL A 11 -12.12 -15.86 8.05
CA VAL A 11 -12.54 -14.50 8.38
C VAL A 11 -12.67 -13.73 7.07
N ARG A 12 -13.37 -12.59 7.15
CA ARG A 12 -13.53 -11.66 6.04
C ARG A 12 -12.24 -10.85 5.88
N GLY A 13 -12.00 -9.93 6.80
CA GLY A 13 -10.70 -9.30 6.95
C GLY A 13 -10.21 -8.67 5.67
N ARG A 14 -8.98 -9.02 5.29
CA ARG A 14 -8.32 -8.47 4.11
C ARG A 14 -8.64 -9.22 2.82
N CYS A 15 -9.50 -10.24 2.85
CA CYS A 15 -10.02 -10.86 1.63
C CYS A 15 -11.44 -10.45 1.29
N ALA A 16 -12.15 -9.79 2.21
CA ALA A 16 -13.53 -9.42 1.92
C ALA A 16 -13.65 -8.64 0.61
N ALA A 17 -12.76 -7.68 0.38
CA ALA A 17 -12.93 -6.82 -0.79
C ALA A 17 -12.66 -7.58 -2.07
N LEU A 18 -11.56 -8.33 -2.12
CA LEU A 18 -11.26 -9.10 -3.33
C LEU A 18 -12.32 -10.17 -3.57
N ARG A 19 -12.90 -10.74 -2.51
CA ARG A 19 -14.00 -11.67 -2.70
C ARG A 19 -15.21 -10.98 -3.30
N MET A 20 -15.52 -9.76 -2.83
CA MET A 20 -16.60 -9.00 -3.47
C MET A 20 -16.29 -8.77 -4.94
N LEU A 21 -15.05 -8.41 -5.24
CA LEU A 21 -14.65 -8.14 -6.61
C LEU A 21 -14.93 -9.34 -7.51
N LEU A 22 -14.44 -10.51 -7.10
CA LEU A 22 -14.66 -11.71 -7.91
C LEU A 22 -16.15 -12.00 -8.07
N ALA A 23 -16.90 -12.02 -6.96
CA ALA A 23 -18.34 -12.26 -7.01
C ALA A 23 -19.03 -11.33 -8.00
N ASP A 24 -18.89 -10.03 -7.78
CA ASP A 24 -19.54 -9.07 -8.65
C ASP A 24 -19.10 -9.21 -10.11
N GLN A 25 -17.85 -9.63 -10.35
CA GLN A 25 -17.38 -9.88 -11.70
C GLN A 25 -17.70 -11.29 -12.21
N GLY A 26 -18.45 -12.09 -11.46
CA GLY A 26 -18.86 -13.42 -11.90
C GLY A 26 -17.74 -14.41 -12.11
N GLN A 27 -16.63 -14.27 -11.39
CA GLN A 27 -15.51 -15.20 -11.49
C GLN A 27 -15.67 -16.29 -10.44
N SER A 28 -15.28 -17.51 -10.80
CA SER A 28 -15.30 -18.57 -9.82
C SER A 28 -13.96 -18.65 -9.09
N TRP A 29 -13.98 -19.18 -7.87
CA TRP A 29 -12.74 -19.38 -7.16
C TRP A 29 -12.93 -20.40 -6.04
N LYS A 30 -11.81 -20.91 -5.57
CA LYS A 30 -11.76 -21.85 -4.45
C LYS A 30 -11.28 -21.13 -3.19
N GLU A 31 -11.92 -21.47 -2.08
CA GLU A 31 -11.49 -21.06 -0.75
C GLU A 31 -10.75 -22.23 -0.10
N GLU A 32 -9.48 -22.05 0.19
CA GLU A 32 -8.77 -22.94 1.08
C GLU A 32 -8.69 -22.28 2.45
N VAL A 33 -9.28 -22.93 3.45
CA VAL A 33 -9.38 -22.38 4.80
C VAL A 33 -8.22 -22.91 5.64
N VAL A 34 -7.60 -22.02 6.39
CA VAL A 34 -6.47 -22.35 7.25
C VAL A 34 -6.92 -22.22 8.70
N THR A 35 -6.95 -23.35 9.41
CA THR A 35 -7.26 -23.31 10.83
C THR A 35 -6.07 -22.73 11.59
N VAL A 36 -6.36 -22.13 12.75
CA VAL A 36 -5.24 -21.63 13.53
C VAL A 36 -4.40 -22.80 14.04
N GLU A 37 -4.98 -24.01 14.08
CA GLU A 37 -4.20 -25.19 14.43
C GLU A 37 -3.17 -25.50 13.35
N THR A 38 -3.60 -25.44 12.08
CA THR A 38 -2.66 -25.56 10.97
C THR A 38 -1.63 -24.43 11.01
N TRP A 39 -2.10 -23.21 11.30
CA TRP A 39 -1.21 -22.06 11.32
C TRP A 39 -0.15 -22.20 12.39
N GLN A 40 -0.54 -22.68 13.57
CA GLN A 40 0.43 -22.86 14.64
C GLN A 40 1.41 -24.00 14.36
N GLU A 41 1.03 -24.96 13.51
CA GLU A 41 1.97 -26.01 13.12
C GLU A 41 3.22 -25.42 12.45
N GLY A 42 3.07 -24.27 11.79
CA GLY A 42 4.19 -23.48 11.37
C GLY A 42 4.70 -23.72 9.96
N SER A 43 4.37 -24.86 9.35
CA SER A 43 4.91 -25.15 8.02
C SER A 43 4.38 -24.18 6.96
N LEU A 44 3.06 -24.00 6.89
CA LEU A 44 2.49 -23.09 5.91
C LEU A 44 2.98 -21.66 6.13
N LYS A 45 3.06 -21.22 7.39
CA LYS A 45 3.54 -19.86 7.68
C LYS A 45 4.98 -19.68 7.20
N ALA A 46 5.84 -20.68 7.48
CA ALA A 46 7.23 -20.61 7.04
C ALA A 46 7.33 -20.51 5.52
N SER A 47 6.39 -21.09 4.78
CA SER A 47 6.43 -21.04 3.33
C SER A 47 5.79 -19.80 2.72
N CYS A 48 5.17 -18.95 3.52
CA CYS A 48 4.60 -17.70 3.02
C CYS A 48 5.69 -16.64 2.88
N LEU A 49 5.67 -15.91 1.75
CA LEU A 49 6.73 -14.96 1.45
C LEU A 49 7.02 -14.01 2.61
N TYR A 50 5.97 -13.44 3.22
CA TYR A 50 6.11 -12.54 4.36
C TYR A 50 5.56 -13.13 5.65
N GLY A 51 5.40 -14.46 5.71
CA GLY A 51 4.93 -15.08 6.93
C GLY A 51 3.45 -14.90 7.23
N GLN A 52 2.66 -14.48 6.24
CA GLN A 52 1.29 -14.06 6.51
C GLN A 52 0.36 -14.48 5.38
N LEU A 53 -0.94 -14.37 5.66
CA LEU A 53 -2.02 -14.54 4.72
C LEU A 53 -2.76 -13.22 4.57
N PRO A 54 -3.51 -13.01 3.46
CA PRO A 54 -3.86 -13.98 2.42
C PRO A 54 -2.74 -14.41 1.51
N LYS A 55 -2.89 -15.65 1.03
CA LYS A 55 -2.15 -16.18 -0.11
C LYS A 55 -3.14 -16.35 -1.25
N PHE A 56 -2.73 -16.04 -2.47
CA PHE A 56 -3.67 -16.08 -3.58
C PHE A 56 -2.98 -16.74 -4.76
N GLN A 57 -3.72 -17.59 -5.48
CA GLN A 57 -3.19 -18.32 -6.62
C GLN A 57 -4.02 -17.99 -7.83
N ASP A 58 -3.34 -17.71 -8.93
CA ASP A 58 -3.97 -17.48 -10.24
C ASP A 58 -3.16 -18.37 -11.17
N GLY A 59 -3.70 -19.55 -11.51
CA GLY A 59 -2.85 -20.57 -12.10
C GLY A 59 -1.63 -20.79 -11.22
N ASP A 60 -0.46 -20.83 -11.83
CA ASP A 60 0.80 -21.04 -11.13
C ASP A 60 1.42 -19.72 -10.62
N LEU A 61 0.66 -18.64 -10.66
CA LEU A 61 1.09 -17.36 -10.11
C LEU A 61 0.61 -17.32 -8.66
N THR A 62 1.55 -17.34 -7.71
CA THR A 62 1.19 -17.28 -6.31
C THR A 62 1.53 -15.87 -5.82
N LEU A 63 0.54 -15.18 -5.28
CA LEU A 63 0.71 -13.84 -4.76
C LEU A 63 0.43 -13.84 -3.27
N TYR A 64 1.07 -12.91 -2.58
CA TYR A 64 0.76 -12.46 -1.24
C TYR A 64 0.50 -10.97 -1.31
N GLN A 65 -0.08 -10.44 -0.22
CA GLN A 65 -0.42 -9.04 -0.03
C GLN A 65 -1.79 -8.72 -0.61
N SER A 66 -2.74 -8.38 0.25
CA SER A 66 -4.12 -8.14 -0.20
C SER A 66 -4.21 -7.11 -1.32
N ASN A 67 -3.51 -5.98 -1.22
CA ASN A 67 -3.63 -4.97 -2.29
C ASN A 67 -2.92 -5.38 -3.58
N THR A 68 -1.90 -6.24 -3.49
CA THR A 68 -1.32 -6.86 -4.69
C THR A 68 -2.36 -7.70 -5.43
N ILE A 69 -3.11 -8.51 -4.69
CA ILE A 69 -4.21 -9.26 -5.28
C ILE A 69 -5.25 -8.31 -5.88
N LEU A 70 -5.56 -7.23 -5.17
CA LEU A 70 -6.57 -6.30 -5.68
C LEU A 70 -6.13 -5.68 -7.01
N ARG A 71 -4.89 -5.19 -7.09
CA ARG A 71 -4.43 -4.55 -8.31
C ARG A 71 -4.29 -5.55 -9.44
N HIS A 72 -3.91 -6.79 -9.14
CA HIS A 72 -3.81 -7.83 -10.16
C HIS A 72 -5.16 -8.12 -10.78
N LEU A 73 -6.17 -8.36 -9.96
CA LEU A 73 -7.51 -8.57 -10.51
C LEU A 73 -7.99 -7.31 -11.23
N GLY A 74 -7.72 -6.13 -10.67
CA GLY A 74 -8.04 -4.90 -11.38
C GLY A 74 -7.32 -4.78 -12.71
N ARG A 75 -6.07 -5.24 -12.78
CA ARG A 75 -5.35 -5.24 -14.05
C ARG A 75 -5.97 -6.22 -15.05
N THR A 76 -6.14 -7.47 -14.63
CA THR A 76 -6.54 -8.54 -15.53
C THR A 76 -8.03 -8.57 -15.82
N LEU A 77 -8.85 -7.84 -15.05
CA LEU A 77 -10.29 -7.80 -15.27
C LEU A 77 -10.77 -6.43 -15.73
N GLY A 78 -9.86 -5.50 -15.98
CA GLY A 78 -10.29 -4.19 -16.46
C GLY A 78 -10.98 -3.33 -15.42
N LEU A 79 -10.55 -3.41 -14.15
CA LEU A 79 -11.08 -2.56 -13.10
C LEU A 79 -10.01 -1.61 -12.58
N TYR A 80 -9.37 -0.86 -13.48
CA TYR A 80 -8.22 -0.05 -13.09
C TYR A 80 -8.21 1.27 -13.84
N GLY A 81 -9.39 1.83 -14.10
CA GLY A 81 -9.52 3.09 -14.82
C GLY A 81 -9.48 2.89 -16.32
N LYS A 82 -9.75 3.99 -17.03
CA LYS A 82 -9.77 3.95 -18.49
C LYS A 82 -8.44 4.29 -19.12
N ASP A 83 -7.54 4.95 -18.40
CA ASP A 83 -6.29 5.42 -18.99
C ASP A 83 -5.25 5.54 -17.87
N GLN A 84 -4.07 6.04 -18.23
CA GLN A 84 -2.97 6.06 -17.27
C GLN A 84 -3.23 7.05 -16.14
N GLN A 85 -3.93 8.14 -16.42
CA GLN A 85 -4.23 9.09 -15.35
C GLN A 85 -5.27 8.53 -14.38
N GLU A 86 -6.34 7.91 -14.90
CA GLU A 86 -7.33 7.34 -13.99
C GLU A 86 -6.71 6.25 -13.13
N ALA A 87 -5.82 5.44 -13.70
CA ALA A 87 -5.14 4.43 -12.91
C ALA A 87 -4.47 5.04 -11.68
N ALA A 88 -3.84 6.22 -11.86
CA ALA A 88 -3.20 6.88 -10.73
C ALA A 88 -4.23 7.35 -9.68
N LEU A 89 -5.36 7.90 -10.10
CA LEU A 89 -6.39 8.25 -9.11
C LEU A 89 -6.91 7.00 -8.38
N VAL A 90 -7.02 5.88 -9.09
CA VAL A 90 -7.49 4.65 -8.47
C VAL A 90 -6.53 4.22 -7.36
N ASP A 91 -5.22 4.31 -7.62
CA ASP A 91 -4.22 4.02 -6.60
C ASP A 91 -4.35 4.96 -5.42
N MET A 92 -4.56 6.25 -5.70
CA MET A 92 -4.58 7.24 -4.64
C MET A 92 -5.73 6.96 -3.69
N VAL A 93 -6.88 6.58 -4.25
CA VAL A 93 -7.99 6.14 -3.41
C VAL A 93 -7.58 4.90 -2.62
N ASN A 94 -7.04 3.89 -3.29
CA ASN A 94 -6.81 2.62 -2.59
C ASN A 94 -5.75 2.76 -1.52
N ASP A 95 -4.75 3.64 -1.73
CA ASP A 95 -3.76 3.89 -0.68
C ASP A 95 -4.38 4.56 0.54
N GLY A 96 -5.33 5.48 0.32
CA GLY A 96 -6.04 6.06 1.44
C GLY A 96 -6.88 5.04 2.19
N VAL A 97 -7.56 4.16 1.44
CA VAL A 97 -8.33 3.08 2.05
C VAL A 97 -7.42 2.20 2.91
N GLU A 98 -6.24 1.83 2.37
CA GLU A 98 -5.25 1.04 3.12
C GLU A 98 -4.80 1.74 4.39
N ASP A 99 -4.48 3.05 4.30
CA ASP A 99 -4.16 3.85 5.48
C ASP A 99 -5.24 3.73 6.56
N LEU A 100 -6.50 3.96 6.20
CA LEU A 100 -7.54 3.92 7.24
C LEU A 100 -7.75 2.48 7.72
N ARG A 101 -7.69 1.51 6.80
CA ARG A 101 -7.81 0.11 7.23
C ARG A 101 -6.75 -0.26 8.26
N CYS A 102 -5.52 0.26 8.11
CA CYS A 102 -4.46 -0.07 9.05
C CYS A 102 -4.76 0.51 10.43
N LYS A 103 -5.34 1.71 10.47
CA LYS A 103 -5.81 2.26 11.74
C LYS A 103 -6.95 1.42 12.31
N TYR A 104 -7.94 1.07 11.47
CA TYR A 104 -9.01 0.16 11.90
C TYR A 104 -8.43 -1.12 12.49
N ILE A 105 -7.50 -1.75 11.78
CA ILE A 105 -6.91 -3.01 12.27
C ILE A 105 -6.23 -2.78 13.61
N SER A 106 -5.43 -1.72 13.71
CA SER A 106 -4.75 -1.42 14.97
C SER A 106 -5.75 -1.29 16.12
N LEU A 107 -6.89 -0.63 15.90
CA LEU A 107 -7.89 -0.54 16.96
C LEU A 107 -8.46 -1.92 17.32
N ILE A 108 -8.95 -2.66 16.30
CA ILE A 108 -9.59 -3.94 16.54
C ILE A 108 -8.67 -4.89 17.32
N TYR A 109 -7.43 -5.04 16.87
CA TYR A 109 -6.57 -6.10 17.41
C TYR A 109 -5.73 -5.69 18.62
N THR A 110 -5.47 -4.40 18.83
CA THR A 110 -4.54 -4.01 19.89
C THR A 110 -5.06 -3.01 20.90
N ASN A 111 -6.23 -2.40 20.70
CA ASN A 111 -6.63 -1.36 21.64
C ASN A 111 -8.12 -1.07 21.54
N TYR A 112 -8.92 -2.09 21.25
CA TYR A 112 -10.34 -1.85 21.05
C TYR A 112 -10.95 -1.18 22.27
N GLU A 113 -10.63 -1.70 23.46
CA GLU A 113 -11.32 -1.25 24.66
C GLU A 113 -10.96 0.19 25.00
N ALA A 114 -9.68 0.49 25.17
CA ALA A 114 -9.26 1.85 25.51
C ALA A 114 -9.24 2.81 24.32
N GLY A 115 -9.32 2.30 23.09
CA GLY A 115 -9.15 3.17 21.95
C GLY A 115 -10.42 3.53 21.20
N LYS A 116 -11.54 2.86 21.48
CA LYS A 116 -12.67 2.95 20.57
C LYS A 116 -13.26 4.36 20.54
N ASP A 117 -13.33 5.03 21.69
CA ASP A 117 -13.98 6.35 21.72
C ASP A 117 -13.22 7.38 20.91
N ASP A 118 -11.89 7.42 21.05
CA ASP A 118 -11.12 8.36 20.25
C ASP A 118 -11.18 8.02 18.77
N TYR A 119 -11.21 6.72 18.42
CA TYR A 119 -11.29 6.32 17.02
C TYR A 119 -12.59 6.77 16.40
N VAL A 120 -13.70 6.61 17.13
CA VAL A 120 -14.98 7.06 16.61
C VAL A 120 -15.02 8.59 16.53
N LYS A 121 -14.38 9.26 17.49
CA LYS A 121 -14.22 10.71 17.43
C LYS A 121 -13.53 11.14 16.13
N ALA A 122 -12.35 10.57 15.85
CA ALA A 122 -11.56 10.93 14.69
C ALA A 122 -12.15 10.44 13.36
N LEU A 123 -13.18 9.60 13.38
CA LEU A 123 -13.65 8.92 12.16
C LEU A 123 -14.20 9.85 11.07
N PRO A 124 -14.99 10.90 11.38
CA PRO A 124 -15.49 11.75 10.29
C PRO A 124 -14.39 12.38 9.47
N GLY A 125 -13.35 12.90 10.12
CA GLY A 125 -12.28 13.52 9.36
C GLY A 125 -11.44 12.53 8.58
N GLN A 126 -11.56 11.23 8.90
CA GLN A 126 -10.92 10.18 8.11
C GLN A 126 -11.78 9.76 6.92
N LEU A 127 -13.09 9.88 7.04
CA LEU A 127 -13.99 9.50 5.95
C LEU A 127 -14.20 10.63 4.96
N LYS A 128 -14.07 11.87 5.42
CA LYS A 128 -14.32 13.04 4.57
C LYS A 128 -13.59 13.02 3.22
N PRO A 129 -12.32 12.61 3.11
CA PRO A 129 -11.68 12.65 1.78
C PRO A 129 -12.43 11.82 0.76
N PHE A 130 -12.95 10.66 1.16
CA PHE A 130 -13.70 9.83 0.24
C PHE A 130 -15.02 10.50 -0.15
N GLU A 131 -15.69 11.15 0.80
CA GLU A 131 -16.83 12.01 0.45
C GLU A 131 -16.41 13.11 -0.51
N THR A 132 -15.28 13.77 -0.24
CA THR A 132 -14.79 14.78 -1.17
C THR A 132 -14.51 14.20 -2.55
N LEU A 133 -13.85 13.04 -2.63
CA LEU A 133 -13.60 12.49 -3.97
C LEU A 133 -14.93 12.22 -4.69
N LEU A 134 -15.94 11.70 -3.97
CA LEU A 134 -17.20 11.45 -4.66
C LEU A 134 -17.82 12.75 -5.17
N SER A 135 -17.88 13.79 -4.31
CA SER A 135 -18.46 15.06 -4.72
C SER A 135 -17.84 15.62 -5.98
N GLN A 136 -16.60 15.24 -6.29
CA GLN A 136 -15.87 15.74 -7.46
C GLN A 136 -15.97 14.80 -8.67
N ASN A 137 -16.64 13.65 -8.53
CA ASN A 137 -16.80 12.74 -9.65
C ASN A 137 -18.28 12.54 -9.94
N GLN A 138 -18.78 13.20 -10.99
CA GLN A 138 -20.19 13.11 -11.38
C GLN A 138 -21.13 13.31 -10.21
N GLY A 139 -20.78 14.23 -9.31
CA GLY A 139 -21.57 14.44 -8.12
C GLY A 139 -21.86 13.18 -7.32
N GLY A 140 -20.94 12.21 -7.36
CA GLY A 140 -21.05 11.04 -6.52
C GLY A 140 -22.02 9.97 -6.99
N LYS A 141 -22.51 10.08 -8.21
CA LYS A 141 -23.57 9.21 -8.72
C LYS A 141 -23.05 7.94 -9.39
N THR A 142 -21.74 7.80 -9.61
CA THR A 142 -21.23 6.64 -10.33
C THR A 142 -20.28 5.90 -9.41
N PHE A 143 -18.97 6.07 -9.57
CA PHE A 143 -17.99 5.29 -8.81
C PHE A 143 -16.98 6.24 -8.19
N ILE A 144 -16.01 5.68 -7.46
CA ILE A 144 -15.07 6.53 -6.74
C ILE A 144 -14.11 7.21 -7.70
N VAL A 145 -13.82 6.58 -8.84
CA VAL A 145 -12.96 7.18 -9.86
C VAL A 145 -13.57 6.93 -11.23
N GLY A 146 -13.80 8.00 -11.98
CA GLY A 146 -14.23 7.77 -13.34
C GLY A 146 -15.68 7.27 -13.43
N ASP A 147 -15.97 6.65 -14.57
CA ASP A 147 -17.32 6.21 -14.87
C ASP A 147 -17.48 4.70 -14.90
N GLN A 148 -16.44 3.93 -14.60
CA GLN A 148 -16.58 2.51 -14.45
C GLN A 148 -15.98 2.08 -13.11
N ILE A 149 -16.47 0.96 -12.59
CA ILE A 149 -16.06 0.50 -11.26
C ILE A 149 -14.59 0.05 -11.30
N SER A 150 -13.92 0.19 -10.13
CA SER A 150 -12.52 -0.20 -10.01
C SER A 150 -12.34 -1.04 -8.75
N PHE A 151 -11.14 -1.61 -8.62
CA PHE A 151 -10.86 -2.38 -7.42
C PHE A 151 -10.87 -1.49 -6.19
N ALA A 152 -10.59 -0.19 -6.36
CA ALA A 152 -10.70 0.72 -5.21
C ALA A 152 -12.15 0.83 -4.71
N ASP A 153 -13.14 0.69 -5.60
CA ASP A 153 -14.54 0.76 -5.16
C ASP A 153 -14.85 -0.38 -4.20
N TYR A 154 -14.43 -1.59 -4.53
CA TYR A 154 -14.72 -2.72 -3.67
C TYR A 154 -13.96 -2.62 -2.35
N ASN A 155 -12.70 -2.17 -2.39
CA ASN A 155 -11.96 -2.03 -1.13
C ASN A 155 -12.55 -0.92 -0.29
N LEU A 156 -12.89 0.21 -0.91
CA LEU A 156 -13.56 1.29 -0.19
C LEU A 156 -14.91 0.84 0.35
N LEU A 157 -15.70 0.15 -0.47
CA LEU A 157 -16.99 -0.35 0.00
C LEU A 157 -16.84 -1.22 1.25
N ASP A 158 -15.91 -2.16 1.22
CA ASP A 158 -15.66 -2.96 2.42
C ASP A 158 -15.32 -2.07 3.59
N LEU A 159 -14.41 -1.11 3.37
CA LEU A 159 -14.01 -0.26 4.48
C LEU A 159 -15.19 0.49 5.03
N LEU A 160 -16.11 0.89 4.16
CA LEU A 160 -17.30 1.61 4.63
C LEU A 160 -18.28 0.66 5.33
N LEU A 161 -18.44 -0.57 4.83
CA LEU A 161 -19.36 -1.52 5.46
C LEU A 161 -18.93 -1.88 6.90
N ILE A 162 -17.62 -2.08 7.13
CA ILE A 162 -17.18 -2.59 8.43
C ILE A 162 -17.19 -1.48 9.48
N HIS A 163 -16.92 -0.23 9.07
CA HIS A 163 -17.06 0.94 9.94
C HIS A 163 -18.52 1.20 10.31
N GLU A 164 -19.47 0.89 9.42
CA GLU A 164 -20.87 0.99 9.81
C GLU A 164 -21.17 0.06 10.97
N VAL A 165 -20.55 -1.13 10.99
CA VAL A 165 -20.74 -2.04 12.12
C VAL A 165 -20.04 -1.50 13.36
N LEU A 166 -18.89 -0.85 13.18
CA LEU A 166 -18.11 -0.35 14.31
C LEU A 166 -18.70 0.92 14.90
N ALA A 167 -19.17 1.81 14.05
CA ALA A 167 -19.78 3.07 14.46
C ALA A 167 -21.07 3.24 13.68
N PRO A 168 -22.15 2.64 14.15
CA PRO A 168 -23.42 2.69 13.41
C PRO A 168 -23.85 4.12 13.09
N GLY A 169 -24.27 4.34 11.86
CA GLY A 169 -24.63 5.67 11.41
C GLY A 169 -23.48 6.61 11.13
N CYS A 170 -22.24 6.10 10.99
CA CYS A 170 -21.16 7.03 10.70
C CYS A 170 -21.29 7.66 9.32
N LEU A 171 -22.04 7.05 8.42
CA LEU A 171 -22.26 7.65 7.12
C LEU A 171 -23.41 8.65 7.11
N ASP A 172 -24.05 8.88 8.25
CA ASP A 172 -25.10 9.88 8.29
C ASP A 172 -24.55 11.28 8.00
N ALA A 173 -23.28 11.52 8.30
CA ALA A 173 -22.64 12.79 7.97
C ALA A 173 -22.25 12.91 6.51
N PHE A 174 -22.42 11.86 5.69
CA PHE A 174 -21.79 11.79 4.38
C PHE A 174 -22.80 11.28 3.36
N PRO A 175 -23.67 12.16 2.88
CA PRO A 175 -24.77 11.71 2.01
C PRO A 175 -24.30 10.92 0.81
N LEU A 176 -23.18 11.33 0.19
CA LEU A 176 -22.77 10.65 -1.03
C LEU A 176 -22.12 9.31 -0.73
N LEU A 177 -21.30 9.21 0.33
CA LEU A 177 -20.79 7.91 0.71
C LEU A 177 -21.94 6.95 1.01
N SER A 178 -22.97 7.45 1.69
CA SER A 178 -24.13 6.64 2.08
C SER A 178 -24.86 6.10 0.85
N ALA A 179 -25.15 6.97 -0.13
CA ALA A 179 -25.83 6.50 -1.33
C ALA A 179 -24.93 5.59 -2.15
N TYR A 180 -23.62 5.85 -2.13
CA TYR A 180 -22.62 4.96 -2.71
C TYR A 180 -22.69 3.55 -2.13
N VAL A 181 -22.71 3.41 -0.80
CA VAL A 181 -22.82 2.07 -0.21
C VAL A 181 -24.10 1.38 -0.65
N GLY A 182 -25.24 2.09 -0.53
CA GLY A 182 -26.50 1.50 -0.96
C GLY A 182 -26.51 1.11 -2.43
N ARG A 183 -25.94 1.95 -3.29
CA ARG A 183 -25.97 1.69 -4.71
C ARG A 183 -25.08 0.50 -5.08
N LEU A 184 -23.83 0.47 -4.60
CA LEU A 184 -22.94 -0.62 -5.00
C LEU A 184 -23.40 -1.93 -4.41
N SER A 185 -23.92 -1.89 -3.17
CA SER A 185 -24.42 -3.09 -2.50
C SER A 185 -25.59 -3.69 -3.25
N ALA A 186 -26.28 -2.91 -4.07
CA ALA A 186 -27.48 -3.39 -4.75
C ALA A 186 -27.18 -4.05 -6.10
N ARG A 187 -25.93 -4.00 -6.57
CA ARG A 187 -25.58 -4.69 -7.80
C ARG A 187 -25.93 -6.17 -7.65
N PRO A 188 -26.61 -6.78 -8.63
CA PRO A 188 -27.22 -8.09 -8.41
C PRO A 188 -26.26 -9.16 -7.91
N LYS A 189 -25.17 -9.42 -8.64
CA LYS A 189 -24.21 -10.41 -8.19
C LYS A 189 -23.66 -10.07 -6.81
N LEU A 190 -23.37 -8.78 -6.58
CA LEU A 190 -22.73 -8.40 -5.31
C LEU A 190 -23.72 -8.52 -4.16
N LYS A 191 -24.92 -7.95 -4.32
CA LYS A 191 -26.00 -8.16 -3.36
C LYS A 191 -26.16 -9.63 -3.00
N ALA A 192 -26.26 -10.50 -4.01
CA ALA A 192 -26.41 -11.92 -3.74
C ALA A 192 -25.27 -12.45 -2.88
N PHE A 193 -24.04 -12.02 -3.17
CA PHE A 193 -22.88 -12.55 -2.45
C PHE A 193 -22.87 -12.10 -0.99
N LEU A 194 -23.16 -10.81 -0.76
CA LEU A 194 -23.19 -10.25 0.58
C LEU A 194 -24.25 -10.90 1.46
N ALA A 195 -25.37 -11.35 0.87
CA ALA A 195 -26.39 -12.05 1.62
C ALA A 195 -26.10 -13.53 1.82
N SER A 196 -25.06 -14.07 1.17
CA SER A 196 -24.85 -15.52 1.12
C SER A 196 -24.16 -16.04 2.37
N PRO A 197 -24.38 -17.33 2.71
CA PRO A 197 -23.66 -17.91 3.87
C PRO A 197 -22.15 -17.77 3.80
N GLU A 198 -21.55 -17.90 2.61
CA GLU A 198 -20.09 -17.86 2.63
C GLU A 198 -19.55 -16.48 2.99
N TYR A 199 -20.38 -15.44 2.94
CA TYR A 199 -19.97 -14.12 3.43
C TYR A 199 -20.52 -13.86 4.83
N VAL A 200 -21.81 -14.12 5.04
CA VAL A 200 -22.48 -13.78 6.31
C VAL A 200 -21.96 -14.63 7.46
N ASN A 201 -21.59 -15.88 7.20
CA ASN A 201 -21.18 -16.77 8.28
C ASN A 201 -19.68 -16.71 8.62
N LEU A 202 -18.94 -15.78 8.04
CA LEU A 202 -17.59 -15.47 8.45
C LEU A 202 -17.58 -14.20 9.30
N PRO A 203 -16.83 -14.15 10.39
CA PRO A 203 -16.68 -12.89 11.12
C PRO A 203 -15.79 -11.92 10.36
N ILE A 204 -15.91 -10.64 10.71
CA ILE A 204 -15.14 -9.61 10.02
C ILE A 204 -13.66 -9.77 10.30
N ASN A 205 -13.30 -9.96 11.58
CA ASN A 205 -11.93 -10.07 12.07
C ASN A 205 -11.72 -11.40 12.80
N GLY A 206 -10.46 -11.76 13.01
CA GLY A 206 -10.20 -13.05 13.63
C GLY A 206 -10.28 -13.10 15.14
N ASN A 207 -10.41 -11.95 15.81
CA ASN A 207 -10.42 -11.91 17.25
C ASN A 207 -11.82 -11.68 17.81
N GLY A 208 -12.84 -11.70 16.95
CA GLY A 208 -14.21 -11.57 17.38
C GLY A 208 -14.66 -10.18 17.75
N LYS A 209 -13.86 -9.17 17.49
CA LYS A 209 -14.26 -7.80 17.76
C LYS A 209 -14.66 -7.12 16.46
N GLN A 210 -15.63 -6.22 16.55
CA GLN A 210 -16.10 -5.50 15.38
C GLN A 210 -16.74 -4.17 15.80
N MET B 1 11.57 24.96 -16.21
CA MET B 1 10.35 24.29 -15.76
C MET B 1 10.35 22.79 -16.11
N PRO B 2 10.50 21.95 -15.08
CA PRO B 2 10.38 20.49 -15.28
C PRO B 2 8.94 20.03 -15.19
N PRO B 3 8.62 18.85 -15.72
CA PRO B 3 7.22 18.37 -15.65
C PRO B 3 6.75 18.09 -14.24
N TYR B 4 7.66 17.88 -13.29
CA TYR B 4 7.30 17.33 -11.99
C TYR B 4 7.55 18.32 -10.87
N THR B 5 6.65 18.30 -9.88
CA THR B 5 6.85 19.02 -8.62
C THR B 5 6.65 18.07 -7.44
N VAL B 6 7.60 18.11 -6.50
CA VAL B 6 7.57 17.36 -5.25
C VAL B 6 7.41 18.35 -4.11
N VAL B 7 6.37 18.16 -3.29
CA VAL B 7 6.00 19.07 -2.19
C VAL B 7 6.20 18.30 -0.88
N TYR B 8 7.21 18.69 -0.10
CA TYR B 8 7.55 17.90 1.07
C TYR B 8 8.30 18.73 2.10
N PHE B 9 8.36 18.18 3.32
CA PHE B 9 9.21 18.69 4.38
C PHE B 9 10.67 18.47 4.03
N PRO B 10 11.60 19.23 4.63
CA PRO B 10 13.03 19.01 4.33
C PRO B 10 13.57 17.76 5.03
N VAL B 11 12.99 16.61 4.68
CA VAL B 11 13.49 15.30 5.07
C VAL B 11 13.38 14.35 3.88
N ARG B 12 14.18 13.27 3.95
CA ARG B 12 14.10 12.20 2.96
C ARG B 12 12.77 11.48 3.10
N GLY B 13 12.59 10.75 4.20
CA GLY B 13 11.29 10.17 4.53
C GLY B 13 10.70 9.35 3.41
N ARG B 14 9.41 9.57 3.15
CA ARG B 14 8.68 8.85 2.12
C ARG B 14 8.82 9.47 0.74
N CYS B 15 9.77 10.38 0.55
CA CYS B 15 10.07 10.94 -0.74
C CYS B 15 11.41 10.49 -1.30
N ALA B 16 12.21 9.80 -0.49
CA ALA B 16 13.55 9.42 -0.89
C ALA B 16 13.52 8.47 -2.08
N ALA B 17 12.61 7.48 -2.06
CA ALA B 17 12.59 6.49 -3.13
C ALA B 17 12.19 7.12 -4.47
N LEU B 18 11.12 7.94 -4.47
CA LEU B 18 10.69 8.57 -5.72
C LEU B 18 11.73 9.57 -6.23
N ARG B 19 12.43 10.25 -5.33
CA ARG B 19 13.56 11.09 -5.72
C ARG B 19 14.66 10.28 -6.39
N MET B 20 15.02 9.14 -5.78
CA MET B 20 16.04 8.28 -6.39
C MET B 20 15.58 7.83 -7.76
N LEU B 21 14.28 7.57 -7.90
CA LEU B 21 13.76 7.09 -9.17
C LEU B 21 13.85 8.16 -10.24
N LEU B 22 13.36 9.36 -9.94
CA LEU B 22 13.47 10.46 -10.90
C LEU B 22 14.93 10.75 -11.25
N ALA B 23 15.80 10.80 -10.24
CA ALA B 23 17.20 11.10 -10.51
C ALA B 23 17.82 10.01 -11.40
N ASP B 24 17.58 8.74 -11.07
CA ASP B 24 18.20 7.68 -11.84
C ASP B 24 17.61 7.60 -13.25
N GLN B 25 16.37 8.06 -13.41
CA GLN B 25 15.74 8.04 -14.71
C GLN B 25 16.05 9.29 -15.54
N GLY B 26 16.95 10.14 -15.08
CA GLY B 26 17.27 11.34 -15.86
C GLY B 26 16.13 12.30 -15.98
N GLN B 27 15.27 12.38 -14.98
CA GLN B 27 14.09 13.23 -15.02
C GLN B 27 14.33 14.50 -14.22
N SER B 28 13.75 15.60 -14.68
CA SER B 28 13.90 16.88 -14.00
C SER B 28 12.68 17.16 -13.13
N TRP B 29 12.91 17.76 -11.96
CA TRP B 29 11.79 18.09 -11.09
C TRP B 29 12.10 19.27 -10.19
N LYS B 30 11.03 19.87 -9.66
CA LYS B 30 11.12 21.00 -8.75
C LYS B 30 10.79 20.51 -7.34
N GLU B 31 11.65 20.85 -6.37
CA GLU B 31 11.35 20.71 -4.95
C GLU B 31 10.67 21.99 -4.45
N GLU B 32 9.51 21.81 -3.82
CA GLU B 32 8.89 22.84 -3.02
C GLU B 32 9.02 22.38 -1.58
N VAL B 33 9.97 22.95 -0.86
CA VAL B 33 10.25 22.57 0.52
C VAL B 33 9.26 23.28 1.44
N VAL B 34 8.54 22.49 2.22
CA VAL B 34 7.51 23.01 3.14
C VAL B 34 8.09 22.97 4.56
N THR B 35 8.42 24.14 5.11
CA THR B 35 9.01 24.16 6.43
C THR B 35 7.95 23.82 7.48
N VAL B 36 8.41 23.20 8.56
CA VAL B 36 7.50 22.79 9.64
C VAL B 36 6.63 23.95 10.08
N GLU B 37 7.16 25.17 10.04
CA GLU B 37 6.39 26.33 10.52
C GLU B 37 5.22 26.64 9.60
N THR B 38 5.45 26.72 8.28
CA THR B 38 4.34 26.98 7.36
C THR B 38 3.31 25.86 7.42
N TRP B 39 3.78 24.62 7.59
CA TRP B 39 2.86 23.51 7.79
C TRP B 39 1.97 23.74 9.00
N GLN B 40 2.43 24.53 9.97
CA GLN B 40 1.60 24.87 11.12
C GLN B 40 0.61 25.99 10.82
N GLU B 41 0.83 26.76 9.77
CA GLU B 41 -0.19 27.72 9.36
C GLU B 41 -1.53 27.02 9.12
N GLY B 42 -1.51 25.94 8.34
CA GLY B 42 -2.67 25.07 8.19
C GLY B 42 -3.38 25.17 6.86
N SER B 43 -3.06 26.17 6.03
CA SER B 43 -3.76 26.32 4.76
C SER B 43 -3.42 25.18 3.81
N LEU B 44 -2.14 24.98 3.54
CA LEU B 44 -1.73 23.89 2.64
C LEU B 44 -2.25 22.54 3.14
N LYS B 45 -2.02 22.24 4.42
CA LYS B 45 -2.41 20.96 4.97
C LYS B 45 -3.89 20.68 4.74
N ALA B 46 -4.73 21.68 4.99
CA ALA B 46 -6.16 21.51 4.78
C ALA B 46 -6.48 21.29 3.31
N SER B 47 -5.63 21.76 2.41
CA SER B 47 -5.86 21.54 0.99
C SER B 47 -5.42 20.15 0.52
N CYS B 48 -4.76 19.38 1.38
CA CYS B 48 -4.26 18.08 0.98
C CYS B 48 -5.35 17.02 1.14
N LEU B 49 -5.54 16.20 0.10
CA LEU B 49 -6.58 15.19 0.09
C LEU B 49 -6.66 14.45 1.42
N TYR B 50 -5.52 13.97 1.89
CA TYR B 50 -5.45 13.25 3.15
C TYR B 50 -4.83 14.11 4.26
N GLY B 51 -4.71 15.42 4.04
CA GLY B 51 -4.05 16.30 4.98
C GLY B 51 -2.61 15.93 5.28
N GLN B 52 -1.93 15.30 4.31
CA GLN B 52 -0.55 14.88 4.51
C GLN B 52 0.25 15.15 3.26
N LEU B 53 1.57 15.25 3.44
CA LEU B 53 2.53 15.27 2.37
C LEU B 53 3.24 13.91 2.30
N PRO B 54 3.90 13.58 1.17
CA PRO B 54 4.11 14.38 -0.05
C PRO B 54 2.85 14.67 -0.90
N LYS B 55 2.88 15.83 -1.54
CA LYS B 55 2.04 16.16 -2.67
C LYS B 55 2.92 16.13 -3.92
N PHE B 56 2.30 15.87 -5.08
CA PHE B 56 3.07 15.67 -6.29
C PHE B 56 2.29 16.20 -7.48
N GLN B 57 2.99 16.85 -8.40
CA GLN B 57 2.34 17.41 -9.58
C GLN B 57 3.01 16.86 -10.83
N ASP B 58 2.19 16.42 -11.77
CA ASP B 58 2.65 16.01 -13.10
C ASP B 58 1.80 16.79 -14.10
N GLY B 59 2.33 17.88 -14.62
CA GLY B 59 1.51 18.78 -15.41
C GLY B 59 0.28 19.21 -14.64
N ASP B 60 -0.89 19.01 -15.25
CA ASP B 60 -2.17 19.32 -14.62
C ASP B 60 -2.50 18.38 -13.47
N LEU B 61 -1.90 17.20 -13.42
CA LEU B 61 -2.31 16.15 -12.49
C LEU B 61 -1.66 16.32 -11.12
N THR B 62 -2.48 16.30 -10.06
CA THR B 62 -2.03 16.46 -8.69
C THR B 62 -2.29 15.17 -7.93
N LEU B 63 -1.24 14.56 -7.39
CA LEU B 63 -1.36 13.30 -6.69
C LEU B 63 -0.92 13.42 -5.24
N TYR B 64 -1.52 12.58 -4.43
CA TYR B 64 -1.12 12.34 -3.06
C TYR B 64 -0.79 10.86 -2.93
N GLN B 65 -0.09 10.49 -1.85
CA GLN B 65 0.28 9.13 -1.50
C GLN B 65 1.58 8.69 -2.17
N SER B 66 2.62 8.45 -1.36
CA SER B 66 3.96 8.21 -1.91
C SER B 66 3.98 6.99 -2.81
N ASN B 67 3.23 5.95 -2.47
CA ASN B 67 3.16 4.77 -3.31
C ASN B 67 2.31 5.01 -4.55
N THR B 68 1.37 5.95 -4.47
CA THR B 68 0.66 6.33 -5.69
C THR B 68 1.59 7.05 -6.65
N ILE B 69 2.45 7.93 -6.11
CA ILE B 69 3.46 8.59 -6.93
C ILE B 69 4.40 7.55 -7.53
N LEU B 70 4.87 6.62 -6.70
CA LEU B 70 5.79 5.61 -7.20
C LEU B 70 5.19 4.79 -8.33
N ARG B 71 3.92 4.38 -8.19
CA ARG B 71 3.29 3.58 -9.24
C ARG B 71 3.04 4.42 -10.50
N HIS B 72 2.69 5.69 -10.34
CA HIS B 72 2.38 6.53 -11.49
C HIS B 72 3.62 6.76 -12.36
N LEU B 73 4.73 7.13 -11.72
CA LEU B 73 6.00 7.20 -12.44
C LEU B 73 6.38 5.84 -13.04
N GLY B 74 6.12 4.75 -12.31
CA GLY B 74 6.38 3.42 -12.86
C GLY B 74 5.55 3.12 -14.09
N ARG B 75 4.27 3.53 -14.05
CA ARG B 75 3.37 3.28 -15.16
C ARG B 75 3.76 4.13 -16.36
N THR B 76 4.13 5.39 -16.10
CA THR B 76 4.40 6.31 -17.20
C THR B 76 5.82 6.20 -17.70
N LEU B 77 6.79 5.80 -16.87
CA LEU B 77 8.18 5.73 -17.31
C LEU B 77 8.62 4.32 -17.68
N GLY B 78 7.71 3.35 -17.66
CA GLY B 78 8.04 1.95 -17.96
C GLY B 78 8.81 1.24 -16.88
N LEU B 79 8.53 1.51 -15.61
CA LEU B 79 9.27 0.86 -14.54
C LEU B 79 8.36 -0.03 -13.72
N TYR B 80 7.59 -0.89 -14.41
CA TYR B 80 6.54 -1.65 -13.75
C TYR B 80 6.47 -3.09 -14.26
N GLY B 81 7.61 -3.67 -14.64
CA GLY B 81 7.63 -4.98 -15.23
C GLY B 81 7.25 -4.98 -16.71
N LYS B 82 7.54 -6.10 -17.35
CA LYS B 82 7.29 -6.21 -18.79
C LYS B 82 5.89 -6.69 -19.13
N ASP B 83 5.14 -7.22 -18.17
CA ASP B 83 3.78 -7.69 -18.42
C ASP B 83 2.97 -7.66 -17.13
N GLN B 84 1.71 -8.08 -17.22
CA GLN B 84 0.84 -8.07 -16.04
C GLN B 84 1.36 -9.01 -14.97
N GLN B 85 1.92 -10.16 -15.35
CA GLN B 85 2.47 -11.07 -14.35
C GLN B 85 3.59 -10.40 -13.56
N GLU B 86 4.57 -9.80 -14.26
CA GLU B 86 5.62 -9.06 -13.53
C GLU B 86 5.03 -7.89 -12.74
N ALA B 87 4.02 -7.23 -13.31
CA ALA B 87 3.37 -6.12 -12.61
C ALA B 87 2.83 -6.55 -11.25
N ALA B 88 2.29 -7.78 -11.16
CA ALA B 88 1.82 -8.23 -9.85
C ALA B 88 2.98 -8.51 -8.92
N LEU B 89 4.07 -9.08 -9.44
CA LEU B 89 5.27 -9.29 -8.64
C LEU B 89 5.85 -7.97 -8.14
N VAL B 90 5.93 -6.97 -9.01
CA VAL B 90 6.42 -5.64 -8.56
C VAL B 90 5.57 -5.13 -7.40
N ASP B 91 4.24 -5.31 -7.49
CA ASP B 91 3.36 -4.85 -6.42
C ASP B 91 3.61 -5.60 -5.13
N MET B 92 3.74 -6.94 -5.20
CA MET B 92 4.01 -7.76 -4.03
C MET B 92 5.29 -7.31 -3.31
N VAL B 93 6.34 -7.01 -4.07
CA VAL B 93 7.55 -6.42 -3.50
C VAL B 93 7.23 -5.10 -2.80
N ASN B 94 6.56 -4.18 -3.52
CA ASN B 94 6.37 -2.85 -2.97
C ASN B 94 5.48 -2.88 -1.74
N ASP B 95 4.48 -3.76 -1.71
CA ASP B 95 3.64 -3.84 -0.53
C ASP B 95 4.42 -4.42 0.66
N GLY B 96 5.40 -5.29 0.39
CA GLY B 96 6.24 -5.78 1.46
C GLY B 96 7.17 -4.70 1.99
N VAL B 97 7.77 -3.95 1.07
CA VAL B 97 8.58 -2.78 1.43
C VAL B 97 7.78 -1.83 2.31
N GLU B 98 6.54 -1.53 1.89
CA GLU B 98 5.69 -0.59 2.63
C GLU B 98 5.37 -1.10 4.03
N ASP B 99 5.02 -2.38 4.14
CA ASP B 99 4.77 -2.98 5.44
C ASP B 99 5.94 -2.77 6.40
N LEU B 100 7.15 -3.09 5.95
CA LEU B 100 8.32 -2.90 6.80
C LEU B 100 8.62 -1.42 7.04
N ARG B 101 8.42 -0.57 6.04
CA ARG B 101 8.58 0.87 6.25
C ARG B 101 7.65 1.38 7.35
N CYS B 102 6.40 0.90 7.36
CA CYS B 102 5.46 1.36 8.39
C CYS B 102 5.94 0.95 9.77
N LYS B 103 6.49 -0.27 9.90
CA LYS B 103 7.05 -0.68 11.19
C LYS B 103 8.27 0.15 11.53
N TYR B 104 9.06 0.52 10.51
CA TYR B 104 10.21 1.38 10.75
C TYR B 104 9.75 2.76 11.21
N ILE B 105 8.73 3.30 10.55
CA ILE B 105 8.20 4.62 10.92
C ILE B 105 7.63 4.58 12.33
N SER B 106 6.99 3.47 12.71
CA SER B 106 6.41 3.37 14.04
C SER B 106 7.51 3.43 15.12
N LEU B 107 8.57 2.65 14.93
CA LEU B 107 9.69 2.67 15.87
C LEU B 107 10.30 4.06 15.97
N ILE B 108 10.67 4.64 14.84
CA ILE B 108 11.29 5.97 14.83
C ILE B 108 10.44 7.00 15.55
N TYR B 109 9.15 7.09 15.20
CA TYR B 109 8.34 8.22 15.63
C TYR B 109 7.53 7.98 16.90
N THR B 110 7.34 6.73 17.35
CA THR B 110 6.51 6.49 18.53
C THR B 110 7.12 5.56 19.57
N ASN B 111 8.30 4.98 19.33
CA ASN B 111 8.82 4.05 20.32
C ASN B 111 10.31 3.80 20.17
N TYR B 112 11.08 4.83 19.83
CA TYR B 112 12.47 4.60 19.49
C TYR B 112 13.27 4.08 20.68
N GLU B 113 13.03 4.65 21.86
CA GLU B 113 13.83 4.30 23.03
C GLU B 113 13.55 2.88 23.48
N ALA B 114 12.28 2.56 23.77
CA ALA B 114 11.92 1.25 24.30
C ALA B 114 11.78 0.17 23.22
N GLY B 115 11.78 0.52 21.94
CA GLY B 115 11.51 -0.48 20.92
C GLY B 115 12.68 -0.95 20.08
N LYS B 116 13.83 -0.27 20.18
CA LYS B 116 14.88 -0.46 19.18
C LYS B 116 15.41 -1.88 19.17
N ASP B 117 15.77 -2.45 20.32
CA ASP B 117 16.41 -3.76 20.24
C ASP B 117 15.43 -4.86 19.93
N ASP B 118 14.17 -4.73 20.36
CA ASP B 118 13.17 -5.69 19.90
C ASP B 118 13.08 -5.63 18.37
N TYR B 119 13.04 -4.42 17.82
CA TYR B 119 12.96 -4.24 16.37
C TYR B 119 14.20 -4.76 15.68
N VAL B 120 15.38 -4.41 16.20
CA VAL B 120 16.63 -4.86 15.59
C VAL B 120 16.72 -6.37 15.66
N LYS B 121 16.25 -6.95 16.76
CA LYS B 121 16.29 -8.41 16.93
C LYS B 121 15.43 -9.11 15.89
N ALA B 122 14.25 -8.56 15.60
CA ALA B 122 13.35 -9.10 14.60
C ALA B 122 13.76 -8.77 13.16
N LEU B 123 14.72 -7.86 12.97
CA LEU B 123 15.00 -7.36 11.63
C LEU B 123 15.46 -8.43 10.64
N PRO B 124 16.30 -9.42 11.00
CA PRO B 124 16.72 -10.41 9.98
C PRO B 124 15.55 -11.11 9.32
N GLY B 125 14.59 -11.56 10.12
CA GLY B 125 13.40 -12.22 9.58
C GLY B 125 12.55 -11.30 8.74
N GLN B 126 12.67 -9.98 8.96
CA GLN B 126 11.97 -9.02 8.11
C GLN B 126 12.68 -8.81 6.80
N LEU B 127 14.01 -8.95 6.77
CA LEU B 127 14.76 -8.73 5.53
C LEU B 127 14.86 -9.96 4.64
N LYS B 128 14.87 -11.16 5.22
CA LYS B 128 15.06 -12.39 4.42
C LYS B 128 14.10 -12.58 3.23
N PRO B 129 12.83 -12.12 3.29
CA PRO B 129 11.97 -12.29 2.10
C PRO B 129 12.50 -11.63 0.83
N PHE B 130 13.24 -10.52 0.92
CA PHE B 130 13.77 -9.88 -0.28
C PHE B 130 15.04 -10.56 -0.77
N GLU B 131 15.87 -11.07 0.13
CA GLU B 131 16.93 -11.98 -0.30
C GLU B 131 16.36 -13.19 -1.01
N THR B 132 15.27 -13.75 -0.48
CA THR B 132 14.66 -14.91 -1.13
C THR B 132 14.18 -14.56 -2.54
N LEU B 133 13.55 -13.39 -2.67
CA LEU B 133 13.05 -12.95 -3.98
C LEU B 133 14.20 -12.78 -4.97
N LEU B 134 15.25 -12.05 -4.56
CA LEU B 134 16.46 -12.00 -5.36
C LEU B 134 16.94 -13.41 -5.72
N SER B 135 17.07 -14.30 -4.74
CA SER B 135 17.52 -15.66 -5.02
C SER B 135 16.70 -16.37 -6.11
N GLN B 136 15.46 -15.96 -6.34
CA GLN B 136 14.62 -16.58 -7.34
C GLN B 136 14.56 -15.81 -8.66
N ASN B 137 15.32 -14.74 -8.81
CA ASN B 137 15.25 -13.95 -10.05
C ASN B 137 16.65 -13.81 -10.63
N GLN B 138 17.00 -14.65 -11.60
CA GLN B 138 18.32 -14.60 -12.23
C GLN B 138 19.45 -14.67 -11.21
N GLY B 139 19.30 -15.56 -10.23
CA GLY B 139 20.29 -15.64 -9.17
C GLY B 139 20.62 -14.33 -8.49
N GLY B 140 19.70 -13.37 -8.50
CA GLY B 140 19.89 -12.11 -7.80
C GLY B 140 20.85 -11.15 -8.46
N LYS B 141 21.15 -11.34 -9.74
CA LYS B 141 22.17 -10.53 -10.40
C LYS B 141 21.59 -9.30 -11.08
N THR B 142 20.26 -9.16 -11.12
CA THR B 142 19.62 -8.13 -11.94
C THR B 142 18.81 -7.22 -11.03
N PHE B 143 17.50 -7.39 -10.96
CA PHE B 143 16.62 -6.49 -10.23
C PHE B 143 15.66 -7.31 -9.41
N ILE B 144 14.87 -6.64 -8.58
CA ILE B 144 14.02 -7.40 -7.67
C ILE B 144 12.95 -8.17 -8.46
N VAL B 145 12.51 -7.65 -9.61
CA VAL B 145 11.55 -8.38 -10.44
C VAL B 145 11.98 -8.29 -11.90
N GLY B 146 12.10 -9.43 -12.56
CA GLY B 146 12.39 -9.40 -13.97
C GLY B 146 13.76 -8.81 -14.28
N ASP B 147 13.88 -8.33 -15.53
CA ASP B 147 15.14 -7.95 -16.15
C ASP B 147 15.35 -6.44 -16.22
N GLN B 148 14.33 -5.66 -15.89
CA GLN B 148 14.35 -4.21 -15.90
C GLN B 148 14.12 -3.68 -14.48
N ILE B 149 14.78 -2.57 -14.17
CA ILE B 149 14.49 -1.89 -12.91
C ILE B 149 13.01 -1.48 -12.85
N SER B 150 12.46 -1.47 -11.65
CA SER B 150 11.05 -1.10 -11.46
C SER B 150 10.94 -0.09 -10.32
N PHE B 151 9.75 0.47 -10.10
CA PHE B 151 9.66 1.42 -9.01
C PHE B 151 9.92 0.73 -7.68
N ALA B 152 9.65 -0.58 -7.61
CA ALA B 152 9.89 -1.33 -6.39
C ALA B 152 11.38 -1.43 -6.04
N ASP B 153 12.26 -1.46 -7.05
CA ASP B 153 13.69 -1.44 -6.78
C ASP B 153 14.08 -0.19 -6.01
N TYR B 154 13.53 0.96 -6.41
CA TYR B 154 13.96 2.19 -5.78
C TYR B 154 13.46 2.24 -4.33
N ASN B 155 12.23 1.77 -4.11
CA ASN B 155 11.66 1.79 -2.77
C ASN B 155 12.33 0.75 -1.87
N LEU B 156 12.66 -0.42 -2.41
CA LEU B 156 13.40 -1.41 -1.63
C LEU B 156 14.80 -0.93 -1.30
N LEU B 157 15.48 -0.30 -2.27
CA LEU B 157 16.83 0.21 -2.02
C LEU B 157 16.83 1.22 -0.88
N ASP B 158 15.88 2.17 -0.89
CA ASP B 158 15.81 3.11 0.21
C ASP B 158 15.60 2.39 1.53
N LEU B 159 14.64 1.46 1.59
CA LEU B 159 14.40 0.70 2.82
C LEU B 159 15.66 0.04 3.33
N LEU B 160 16.47 -0.52 2.43
CA LEU B 160 17.72 -1.16 2.84
C LEU B 160 18.70 -0.13 3.40
N LEU B 161 18.89 0.99 2.71
CA LEU B 161 19.87 1.99 3.11
C LEU B 161 19.54 2.57 4.48
N ILE B 162 18.27 2.91 4.72
CA ILE B 162 17.93 3.50 6.02
C ILE B 162 18.11 2.44 7.10
N HIS B 163 17.91 1.17 6.75
CA HIS B 163 18.13 0.14 7.76
C HIS B 163 19.60 -0.11 8.03
N GLU B 164 20.50 0.11 7.07
CA GLU B 164 21.91 -0.04 7.43
C GLU B 164 22.34 1.09 8.38
N VAL B 165 21.72 2.27 8.30
CA VAL B 165 21.93 3.32 9.29
C VAL B 165 21.37 2.89 10.65
N LEU B 166 20.16 2.34 10.67
CA LEU B 166 19.53 1.95 11.94
C LEU B 166 20.31 0.83 12.62
N ALA B 167 20.79 -0.14 11.84
CA ALA B 167 21.39 -1.36 12.38
C ALA B 167 22.53 -1.80 11.49
N PRO B 168 23.66 -1.08 11.54
CA PRO B 168 24.78 -1.38 10.66
C PRO B 168 25.11 -2.86 10.67
N GLY B 169 25.34 -3.41 9.49
CA GLY B 169 25.60 -4.83 9.34
C GLY B 169 24.36 -5.69 9.16
N CYS B 170 23.17 -5.09 9.05
CA CYS B 170 21.96 -5.90 8.90
C CYS B 170 21.88 -6.61 7.54
N LEU B 171 22.69 -6.22 6.56
CA LEU B 171 22.73 -6.95 5.30
C LEU B 171 23.89 -7.93 5.23
N ASP B 172 24.75 -7.95 6.24
CA ASP B 172 25.97 -8.76 6.17
C ASP B 172 25.66 -10.24 5.93
N ALA B 173 24.55 -10.77 6.50
CA ALA B 173 24.22 -12.18 6.30
C ALA B 173 23.48 -12.43 4.99
N PHE B 174 23.36 -11.45 4.12
CA PHE B 174 22.52 -11.55 2.94
C PHE B 174 23.37 -11.12 1.75
N PRO B 175 24.05 -12.08 1.08
CA PRO B 175 24.97 -11.69 0.01
C PRO B 175 24.28 -11.04 -1.16
N LEU B 176 23.07 -11.49 -1.52
CA LEU B 176 22.41 -10.95 -2.72
C LEU B 176 21.86 -9.55 -2.45
N LEU B 177 21.29 -9.32 -1.26
CA LEU B 177 20.83 -7.97 -0.94
C LEU B 177 22.00 -7.01 -0.83
N SER B 178 23.11 -7.46 -0.24
CA SER B 178 24.28 -6.60 -0.11
C SER B 178 24.89 -6.27 -1.49
N ALA B 179 25.02 -7.28 -2.37
CA ALA B 179 25.50 -7.02 -3.72
C ALA B 179 24.53 -6.13 -4.51
N TYR B 180 23.24 -6.32 -4.29
CA TYR B 180 22.19 -5.55 -4.97
C TYR B 180 22.24 -4.08 -4.59
N VAL B 181 22.42 -3.80 -3.29
CA VAL B 181 22.60 -2.43 -2.82
C VAL B 181 23.82 -1.79 -3.49
N GLY B 182 24.93 -2.53 -3.54
CA GLY B 182 26.15 -1.95 -4.09
C GLY B 182 26.01 -1.68 -5.57
N ARG B 183 25.28 -2.54 -6.27
CA ARG B 183 25.13 -2.43 -7.72
C ARG B 183 24.17 -1.29 -8.09
N LEU B 184 23.01 -1.24 -7.42
CA LEU B 184 22.08 -0.14 -7.68
C LEU B 184 22.70 1.20 -7.30
N SER B 185 23.40 1.27 -6.16
CA SER B 185 24.00 2.52 -5.72
C SER B 185 25.16 2.96 -6.63
N ALA B 186 25.69 2.05 -7.44
CA ALA B 186 26.74 2.38 -8.40
C ALA B 186 26.20 2.90 -9.73
N ARG B 187 24.89 2.74 -10.00
CA ARG B 187 24.31 3.31 -11.22
C ARG B 187 24.67 4.81 -11.29
N PRO B 188 25.22 5.29 -12.41
CA PRO B 188 25.82 6.64 -12.45
C PRO B 188 24.93 7.78 -11.96
N LYS B 189 23.75 7.97 -12.56
CA LYS B 189 22.88 9.08 -12.13
C LYS B 189 22.41 8.88 -10.70
N LEU B 190 22.17 7.63 -10.29
CA LEU B 190 21.83 7.37 -8.90
C LEU B 190 23.02 7.65 -7.99
N LYS B 191 24.21 7.21 -8.40
CA LYS B 191 25.43 7.47 -7.63
C LYS B 191 25.59 8.96 -7.33
N ALA B 192 25.46 9.81 -8.36
CA ALA B 192 25.64 11.25 -8.19
C ALA B 192 24.58 11.83 -7.27
N PHE B 193 23.32 11.39 -7.41
CA PHE B 193 22.27 11.92 -6.56
C PHE B 193 22.49 11.52 -5.11
N LEU B 194 22.87 10.26 -4.86
CA LEU B 194 23.06 9.78 -3.49
C LEU B 194 24.24 10.44 -2.80
N ALA B 195 25.18 10.98 -3.56
CA ALA B 195 26.33 11.69 -3.01
C ALA B 195 26.08 13.19 -2.92
N SER B 196 25.00 13.68 -3.53
CA SER B 196 24.78 15.11 -3.62
C SER B 196 24.34 15.67 -2.27
N PRO B 197 24.67 16.94 -1.98
CA PRO B 197 24.16 17.57 -0.73
C PRO B 197 22.66 17.44 -0.57
N GLU B 198 21.93 17.52 -1.67
CA GLU B 198 20.48 17.54 -1.57
C GLU B 198 19.91 16.22 -1.08
N TYR B 199 20.67 15.14 -1.19
CA TYR B 199 20.36 13.90 -0.48
C TYR B 199 21.07 13.85 0.88
N VAL B 200 22.37 14.16 0.91
CA VAL B 200 23.21 13.89 2.07
C VAL B 200 22.87 14.79 3.26
N ASN B 201 22.45 16.03 2.99
CA ASN B 201 22.20 17.02 4.05
C ASN B 201 20.74 17.11 4.45
N LEU B 202 19.90 16.18 4.00
CA LEU B 202 18.58 16.04 4.59
C LEU B 202 18.60 14.96 5.67
N PRO B 203 17.87 15.14 6.77
CA PRO B 203 17.76 14.06 7.73
C PRO B 203 16.83 12.97 7.18
N ILE B 204 17.04 11.74 7.65
CA ILE B 204 16.19 10.64 7.19
C ILE B 204 14.73 10.87 7.61
N ASN B 205 14.52 11.27 8.86
CA ASN B 205 13.19 11.35 9.45
C ASN B 205 12.91 12.75 10.01
N GLY B 206 11.63 13.04 10.28
CA GLY B 206 11.21 14.34 10.75
C GLY B 206 11.43 14.62 12.23
N ASN B 207 12.02 13.68 12.96
CA ASN B 207 12.32 13.86 14.38
C ASN B 207 13.81 13.67 14.68
N GLY B 208 14.65 13.62 13.65
CA GLY B 208 16.09 13.52 13.81
C GLY B 208 16.60 12.18 14.28
N LYS B 209 15.74 11.22 14.54
CA LYS B 209 16.14 9.87 14.92
C LYS B 209 16.44 9.06 13.66
N GLN B 210 17.28 8.05 13.81
CA GLN B 210 17.64 7.20 12.68
C GLN B 210 18.23 5.88 13.15
C01 GF5 C . -0.67 -7.76 4.41
C02 GF5 C . -1.09 -8.03 5.87
C03 GF5 C . -1.50 -9.50 6.08
C04 GF5 C . -1.76 -9.82 7.56
C05 GF5 C . -2.52 -11.50 9.31
C06 GF5 C . -3.98 -11.93 9.51
C07 GF5 C . -5.31 -9.26 9.48
C08 GF5 C . -6.22 -9.52 10.69
C09 GF5 C . -1.69 -12.76 9.49
C10 GF5 C . -0.56 -14.33 11.01
C11 GF5 C . 0.66 -14.07 11.87
C12 GF5 C . -1.94 -7.78 3.56
N01 GF5 C . 0.08 -6.49 4.36
N02 GF5 C . -2.27 -11.13 7.94
N03 GF5 C . -1.31 -13.11 10.84
O01 GF5 C . -1.55 -9.00 8.39
O02 GF5 C . -8.33 -8.34 10.10
O03 GF5 C . -8.47 -11.11 10.18
O04 GF5 C . -1.42 -13.43 8.55
O05 GF5 C . 1.38 -13.03 11.26
O06 GF5 C . 1.35 -15.28 11.93
O07 GF5 C . -2.20 -6.61 2.85
O08 GF5 C . -2.11 -8.96 2.81
S01 GF5 C . -5.09 -10.84 8.60
S02 GF5 C . -7.83 -9.74 10.62
O1 MES D . -16.49 -21.15 -3.03
C2 MES D . -17.90 -21.06 -2.86
C3 MES D . -18.55 -20.37 -4.06
N4 MES D . -17.84 -19.13 -4.34
C5 MES D . -16.38 -19.05 -4.23
C6 MES D . -15.86 -19.88 -3.06
C7 MES D . -18.39 -18.39 -5.47
C8 MES D . -19.09 -17.19 -4.86
S MES D . -20.39 -16.82 -5.85
O1S MES D . -20.57 -17.91 -6.82
O2S MES D . -20.12 -15.57 -6.60
O3S MES D . -21.58 -16.65 -4.97
C01 GF5 E . 0.87 8.46 3.13
C02 GF5 E . 1.56 8.89 4.45
C03 GF5 E . 2.18 10.28 4.43
C04 GF5 E . 2.61 10.79 5.82
C05 GF5 E . 3.45 12.69 7.20
C06 GF5 E . 4.96 12.80 7.31
C07 GF5 E . 6.58 10.38 7.06
C08 GF5 E . 7.49 10.97 8.13
C09 GF5 E . 2.84 14.08 7.30
C10 GF5 E . 2.06 15.97 8.71
C11 GF5 E . 0.76 15.83 9.51
C12 GF5 E . 1.86 8.34 1.97
N01 GF5 E . 0.29 7.13 3.31
N02 GF5 E . 3.04 12.17 5.91
N03 GF5 E . 2.65 14.67 8.60
O01 GF5 E . 2.61 10.10 6.80
O02 GF5 E . 9.02 9.16 7.43
O03 GF5 E . 10.21 11.58 8.11
O04 GF5 E . 2.55 14.68 6.32
O05 GF5 E . 0.11 14.68 9.09
O06 GF5 E . -0.04 16.97 9.37
O07 GF5 E . 2.60 7.18 2.06
O08 GF5 E . 2.60 9.46 1.57
S01 GF5 E . 5.77 11.70 6.11
S02 GF5 E . 8.99 10.47 8.20
O1 MES F . 15.70 20.23 -7.73
C2 MES F . 17.08 20.56 -7.99
C3 MES F . 18.05 19.40 -7.87
N4 MES F . 17.50 18.26 -8.58
C5 MES F . 16.06 18.04 -8.60
C6 MES F . 15.47 18.84 -7.46
C7 MES F . 18.36 17.47 -9.45
C8 MES F . 19.01 16.35 -8.67
S MES F . 19.83 15.35 -9.73
O1S MES F . 20.19 16.08 -10.97
O2S MES F . 18.96 14.21 -10.12
O3S MES F . 21.02 14.81 -9.05
#